data_7Y0K
#
_entry.id   7Y0K
#
_cell.length_a   40.046
_cell.length_b   45.454
_cell.length_c   48.921
_cell.angle_alpha   67.440
_cell.angle_beta   84.880
_cell.angle_gamma   68.280
#
_symmetry.space_group_name_H-M   'P 1'
#
loop_
_entity.id
_entity.type
_entity.pdbx_description
1 polymer 'Epimerase domain-containing protein'
2 non-polymer 'NADPH DIHYDRO-NICOTINAMIDE-ADENINE-DINUCLEOTIDE PHOSPHATE'
#
_entity_poly.entity_id   1
_entity_poly.type   'polypeptide(L)'
_entity_poly.pdbx_seq_one_letter_code
;MGSSHHHHHHSSGLVPRGSHMASMTGGQQMGRGSEFMSSETVVFVSGATGFIAQQIVKTVLEAGYKTIGSVRSEEKGKYL
KSLIESAGLNSNLFNYVIVKDIGAKGAFNEALQAHPEVTVFLHTASPATFEIHDVEKELLKPAIEGTINALNAVTVYGKN
VQRVVITSSYAAVAGFANLATPGKEVNEESWNPITYEQALENPFLGYIGSKKLAEKTVWNYIEEKKPKWDVTFVNPAFVL
GPQAFAVRDKSKLNASNEIINSLLTANKTKVEPQQFVGYFIDVRDVAKAHLIAFEKNETVGQRLLLANAPFSSAGILDII
EKDFPNLKSELPKLDKSKSPKFEETESVVNNEKTRRILGFKFIDLKKSVDDTIKQLV
;
_entity_poly.pdbx_strand_id   A
#
loop_
_chem_comp.id
_chem_comp.type
_chem_comp.name
_chem_comp.formula
NDP non-polymer 'NADPH DIHYDRO-NICOTINAMIDE-ADENINE-DINUCLEOTIDE PHOSPHATE' 'C21 H30 N7 O17 P3'
#
# COMPACT_ATOMS: atom_id res chain seq x y z
N THR A 41 -23.77 0.86 -2.08
CA THR A 41 -22.65 -0.07 -2.16
C THR A 41 -22.14 -0.37 -0.75
N VAL A 42 -21.54 -1.55 -0.57
CA VAL A 42 -21.00 -1.98 0.71
C VAL A 42 -19.58 -2.49 0.46
N VAL A 43 -18.59 -1.79 1.02
CA VAL A 43 -17.18 -2.01 0.70
C VAL A 43 -16.51 -2.71 1.87
N PHE A 44 -16.01 -3.92 1.63
CA PHE A 44 -15.25 -4.66 2.62
C PHE A 44 -13.76 -4.36 2.44
N VAL A 45 -13.06 -4.21 3.56
CA VAL A 45 -11.64 -3.86 3.55
C VAL A 45 -10.92 -4.75 4.54
N SER A 46 -9.99 -5.57 4.04
CA SER A 46 -9.21 -6.44 4.91
C SER A 46 -8.04 -5.69 5.53
N GLY A 47 -7.74 -6.00 6.78
CA GLY A 47 -6.67 -5.32 7.50
C GLY A 47 -6.89 -3.83 7.62
N ALA A 48 -8.07 -3.42 8.08
CA ALA A 48 -8.45 -2.01 8.11
C ALA A 48 -7.52 -1.16 8.98
N THR A 49 -6.85 -1.75 9.96
CA THR A 49 -5.98 -1.00 10.85
C THR A 49 -4.62 -0.67 10.22
N GLY A 50 -4.44 -0.96 8.93
CA GLY A 50 -3.19 -0.66 8.27
C GLY A 50 -3.07 0.79 7.86
N PHE A 51 -1.87 1.14 7.37
CA PHE A 51 -1.60 2.52 6.96
C PHE A 51 -2.48 2.93 5.78
N ILE A 52 -2.33 2.22 4.65
CA ILE A 52 -3.13 2.55 3.47
C ILE A 52 -4.59 2.26 3.71
N ALA A 53 -4.89 1.15 4.40
CA ALA A 53 -6.28 0.74 4.59
C ALA A 53 -7.05 1.75 5.43
N GLN A 54 -6.42 2.32 6.45
CA GLN A 54 -7.08 3.37 7.23
C GLN A 54 -7.43 4.56 6.35
N GLN A 55 -6.50 4.95 5.46
CA GLN A 55 -6.82 5.97 4.48
C GLN A 55 -7.87 5.49 3.50
N ILE A 56 -7.91 4.19 3.23
CA ILE A 56 -8.94 3.64 2.35
C ILE A 56 -10.29 3.69 3.03
N VAL A 57 -10.36 3.24 4.29
CA VAL A 57 -11.61 3.31 5.04
C VAL A 57 -12.09 4.75 5.14
N LYS A 58 -11.16 5.71 5.23
CA LYS A 58 -11.55 7.11 5.40
C LYS A 58 -12.20 7.67 4.14
N THR A 59 -11.48 7.62 3.00
CA THR A 59 -11.97 8.26 1.79
C THR A 59 -13.24 7.60 1.25
N VAL A 60 -13.44 6.31 1.54
CA VAL A 60 -14.68 5.65 1.15
C VAL A 60 -15.86 6.26 1.91
N LEU A 61 -15.72 6.38 3.24
CA LEU A 61 -16.77 6.99 4.05
C LEU A 61 -17.06 8.40 3.59
N GLU A 62 -16.06 9.13 3.11
CA GLU A 62 -16.29 10.46 2.57
C GLU A 62 -17.07 10.43 1.27
N ALA A 63 -17.10 9.29 0.59
CA ALA A 63 -17.94 9.10 -0.59
C ALA A 63 -19.31 8.52 -0.22
N GLY A 64 -19.60 8.38 1.06
CA GLY A 64 -20.89 7.90 1.52
C GLY A 64 -21.07 6.39 1.50
N TYR A 65 -20.11 5.63 0.98
CA TYR A 65 -20.24 4.20 0.92
C TYR A 65 -20.20 3.58 2.31
N LYS A 66 -20.86 2.44 2.45
CA LYS A 66 -20.75 1.62 3.64
C LYS A 66 -19.38 0.95 3.68
N THR A 67 -18.97 0.56 4.88
CA THR A 67 -17.64 -0.04 5.06
C THR A 67 -17.70 -1.08 6.17
N ILE A 68 -16.93 -2.15 5.98
CA ILE A 68 -16.83 -3.22 6.97
C ILE A 68 -15.37 -3.71 6.93
N GLY A 69 -14.62 -3.40 8.00
CA GLY A 69 -13.20 -3.68 8.03
C GLY A 69 -12.84 -4.90 8.86
N SER A 70 -11.67 -5.46 8.58
CA SER A 70 -11.15 -6.59 9.33
C SER A 70 -10.09 -6.13 10.32
N VAL A 71 -10.01 -6.84 11.45
CA VAL A 71 -9.13 -6.47 12.55
C VAL A 71 -8.46 -7.75 13.07
N ARG A 72 -7.21 -7.62 13.49
CA ARG A 72 -6.47 -8.74 14.06
C ARG A 72 -7.19 -9.33 15.28
N LYS A 76 -9.33 -3.61 19.32
CA LYS A 76 -8.77 -2.74 18.28
C LYS A 76 -9.87 -2.25 17.34
N GLY A 77 -10.98 -3.00 17.29
CA GLY A 77 -12.13 -2.54 16.53
C GLY A 77 -12.72 -1.26 17.09
N LYS A 78 -12.65 -1.07 18.40
CA LYS A 78 -13.05 0.20 18.99
C LYS A 78 -11.98 1.27 18.83
N TYR A 79 -10.70 0.87 18.72
CA TYR A 79 -9.65 1.84 18.41
C TYR A 79 -9.93 2.56 17.10
N LEU A 80 -10.44 1.83 16.11
CA LEU A 80 -10.71 2.41 14.80
C LEU A 80 -12.08 3.06 14.72
N LYS A 81 -13.07 2.54 15.45
CA LYS A 81 -14.40 3.16 15.43
C LYS A 81 -14.42 4.44 16.26
N SER A 82 -13.66 4.48 17.37
CA SER A 82 -13.48 5.73 18.08
C SER A 82 -12.72 6.74 17.24
N LEU A 83 -11.94 6.26 16.27
CA LEU A 83 -11.13 7.15 15.44
C LEU A 83 -11.98 7.87 14.38
N ILE A 84 -12.90 7.14 13.75
CA ILE A 84 -13.70 7.73 12.68
C ILE A 84 -14.72 8.72 13.25
N GLU A 85 -15.41 8.33 14.32
CA GLU A 85 -16.45 9.18 14.89
C GLU A 85 -15.85 10.48 15.41
N SER A 86 -14.74 10.39 16.14
CA SER A 86 -14.06 11.60 16.61
C SER A 86 -13.48 12.41 15.46
N ALA A 87 -13.18 11.78 14.33
CA ALA A 87 -12.63 12.50 13.19
C ALA A 87 -13.64 13.40 12.50
N GLY A 88 -14.90 13.39 12.93
CA GLY A 88 -15.93 14.20 12.31
C GLY A 88 -16.60 13.55 11.11
N LEU A 89 -16.12 12.38 10.68
CA LEU A 89 -16.72 11.71 9.53
C LEU A 89 -18.13 11.24 9.84
N ASN A 90 -18.94 11.17 8.78
CA ASN A 90 -20.28 10.60 8.82
C ASN A 90 -20.15 9.13 9.21
N SER A 91 -20.44 8.80 10.47
CA SER A 91 -19.91 7.62 11.12
C SER A 91 -20.88 6.44 11.19
N ASN A 92 -21.95 6.44 10.40
CA ASN A 92 -22.88 5.32 10.38
C ASN A 92 -22.66 4.39 9.19
N LEU A 93 -21.46 4.41 8.60
CA LEU A 93 -21.16 3.61 7.42
C LEU A 93 -20.05 2.61 7.68
N PHE A 94 -19.75 2.32 8.94
CA PHE A 94 -18.60 1.48 9.28
C PHE A 94 -18.93 0.55 10.43
N ASN A 95 -18.66 -0.75 10.22
CA ASN A 95 -18.55 -1.73 11.29
C ASN A 95 -17.29 -2.54 11.05
N TYR A 96 -17.05 -3.59 11.83
CA TYR A 96 -15.77 -4.31 11.70
C TYR A 96 -15.97 -5.79 11.96
N VAL A 97 -14.95 -6.56 11.55
CA VAL A 97 -14.84 -7.99 11.80
C VAL A 97 -13.47 -8.25 12.42
N ILE A 98 -13.36 -9.37 13.12
CA ILE A 98 -12.13 -9.77 13.77
C ILE A 98 -11.55 -10.97 13.02
N VAL A 99 -10.35 -10.80 12.47
CA VAL A 99 -9.65 -11.86 11.74
C VAL A 99 -8.23 -11.93 12.30
N LYS A 100 -7.92 -13.03 13.00
CA LYS A 100 -6.64 -13.15 13.69
C LYS A 100 -5.48 -13.24 12.69
N ASP A 101 -5.69 -13.91 11.56
CA ASP A 101 -4.61 -14.16 10.62
C ASP A 101 -5.20 -14.32 9.22
N ILE A 102 -4.44 -13.87 8.23
CA ILE A 102 -4.89 -13.87 6.84
C ILE A 102 -4.32 -15.08 6.12
N GLY A 103 -3.09 -15.47 6.47
CA GLY A 103 -2.45 -16.64 5.92
C GLY A 103 -2.97 -17.98 6.40
N ALA A 104 -4.10 -18.00 7.11
CA ALA A 104 -4.73 -19.24 7.54
C ALA A 104 -5.95 -19.53 6.67
N LYS A 105 -6.23 -20.81 6.48
CA LYS A 105 -7.29 -21.23 5.57
C LYS A 105 -8.64 -20.71 6.03
N GLY A 106 -9.47 -20.30 5.07
CA GLY A 106 -10.80 -19.81 5.40
C GLY A 106 -10.78 -18.62 6.34
N ALA A 107 -9.86 -17.68 6.10
CA ALA A 107 -9.69 -16.57 7.02
C ALA A 107 -10.88 -15.62 7.00
N PHE A 108 -11.57 -15.51 5.85
CA PHE A 108 -12.66 -14.56 5.70
C PHE A 108 -14.01 -15.24 5.49
N ASN A 109 -14.10 -16.55 5.68
CA ASN A 109 -15.36 -17.25 5.45
C ASN A 109 -16.43 -16.80 6.44
N GLU A 110 -16.14 -16.94 7.74
CA GLU A 110 -17.08 -16.50 8.76
C GLU A 110 -17.27 -14.98 8.74
N ALA A 111 -16.36 -14.25 8.11
CA ALA A 111 -16.58 -12.83 7.88
C ALA A 111 -17.58 -12.61 6.76
N LEU A 112 -17.44 -13.37 5.67
CA LEU A 112 -18.37 -13.31 4.55
C LEU A 112 -19.58 -14.23 4.76
N GLN A 113 -19.66 -14.93 5.88
CA GLN A 113 -20.86 -15.67 6.27
C GLN A 113 -21.64 -14.97 7.37
N ALA A 114 -21.06 -13.99 8.04
CA ALA A 114 -21.80 -13.13 8.96
C ALA A 114 -22.46 -11.96 8.26
N HIS A 115 -21.85 -11.48 7.17
CA HIS A 115 -22.41 -10.39 6.37
C HIS A 115 -22.35 -10.78 4.91
N PRO A 116 -23.45 -11.26 4.32
CA PRO A 116 -23.47 -11.54 2.88
C PRO A 116 -23.81 -10.35 2.01
N GLU A 117 -23.81 -9.13 2.56
CA GLU A 117 -24.22 -7.95 1.82
C GLU A 117 -23.07 -7.31 1.04
N VAL A 118 -21.82 -7.61 1.39
CA VAL A 118 -20.70 -6.93 0.77
C VAL A 118 -20.73 -7.09 -0.75
N THR A 119 -20.30 -6.05 -1.45
CA THR A 119 -20.24 -6.04 -2.90
C THR A 119 -18.91 -5.55 -3.45
N VAL A 120 -18.04 -5.01 -2.60
CA VAL A 120 -16.66 -4.70 -2.97
C VAL A 120 -15.74 -5.35 -1.95
N PHE A 121 -14.66 -5.95 -2.44
CA PHE A 121 -13.64 -6.54 -1.58
C PHE A 121 -12.31 -5.83 -1.85
N LEU A 122 -11.82 -5.11 -0.85
CA LEU A 122 -10.53 -4.42 -0.92
C LEU A 122 -9.53 -5.22 -0.10
N HIS A 123 -8.68 -5.98 -0.78
CA HIS A 123 -7.71 -6.86 -0.12
C HIS A 123 -6.38 -6.11 -0.03
N THR A 124 -6.19 -5.41 1.09
CA THR A 124 -5.00 -4.60 1.32
C THR A 124 -3.98 -5.29 2.21
N ALA A 125 -4.43 -6.01 3.24
CA ALA A 125 -3.51 -6.63 4.19
C ALA A 125 -2.61 -7.64 3.51
N SER A 126 -1.30 -7.48 3.71
CA SER A 126 -0.32 -8.38 3.13
C SER A 126 1.01 -8.30 3.89
N ILE A 132 11.35 -3.84 3.72
CA ILE A 132 11.01 -4.34 5.04
C ILE A 132 12.08 -5.31 5.52
N HIS A 133 12.14 -5.52 6.83
CA HIS A 133 13.04 -6.50 7.43
C HIS A 133 12.23 -7.37 8.38
N ASP A 134 12.32 -8.68 8.22
CA ASP A 134 11.51 -9.61 8.99
C ASP A 134 12.33 -10.31 10.05
N VAL A 135 12.05 -11.60 10.27
CA VAL A 135 12.85 -12.45 11.14
C VAL A 135 13.52 -13.57 10.36
N GLU A 136 13.10 -13.81 9.12
CA GLU A 136 13.63 -14.86 8.23
C GLU A 136 13.14 -16.24 8.68
N LYS A 137 11.82 -16.38 8.78
CA LYS A 137 11.17 -17.67 8.98
C LYS A 137 10.47 -18.11 7.70
N GLU A 138 9.38 -17.43 7.31
CA GLU A 138 8.75 -17.70 6.03
C GLU A 138 7.91 -16.49 5.65
N LEU A 139 8.23 -15.88 4.50
CA LEU A 139 7.54 -14.69 4.01
C LEU A 139 6.84 -14.90 2.68
N LEU A 140 7.31 -15.84 1.86
CA LEU A 140 6.74 -16.05 0.53
C LEU A 140 5.42 -16.82 0.59
N LYS A 141 5.49 -18.09 1.01
CA LYS A 141 4.30 -18.95 1.01
C LYS A 141 3.10 -18.37 1.76
N PRO A 142 3.24 -17.75 2.93
CA PRO A 142 2.06 -17.14 3.55
C PRO A 142 1.52 -15.95 2.77
N ALA A 143 2.36 -15.28 1.98
CA ALA A 143 1.88 -14.15 1.18
C ALA A 143 1.02 -14.63 0.01
N ILE A 144 1.44 -15.71 -0.65
CA ILE A 144 0.65 -16.24 -1.74
C ILE A 144 -0.57 -16.99 -1.21
N GLU A 145 -0.43 -17.65 -0.06
CA GLU A 145 -1.56 -18.37 0.51
C GLU A 145 -2.57 -17.41 1.13
N GLY A 146 -2.09 -16.34 1.76
CA GLY A 146 -3.01 -15.36 2.32
C GLY A 146 -3.93 -14.77 1.28
N THR A 147 -3.41 -14.52 0.07
CA THR A 147 -4.25 -14.07 -1.03
C THR A 147 -5.17 -15.18 -1.51
N ILE A 148 -4.64 -16.40 -1.66
CA ILE A 148 -5.45 -17.54 -2.09
C ILE A 148 -6.54 -17.84 -1.07
N ASN A 149 -6.24 -17.69 0.22
CA ASN A 149 -7.24 -17.87 1.25
C ASN A 149 -8.38 -16.87 1.14
N ALA A 150 -8.17 -15.77 0.43
CA ALA A 150 -9.22 -14.79 0.20
C ALA A 150 -9.95 -15.02 -1.11
N LEU A 151 -9.24 -15.42 -2.17
CA LEU A 151 -9.89 -15.76 -3.42
C LEU A 151 -10.67 -17.07 -3.32
N ASN A 152 -10.33 -17.92 -2.35
CA ASN A 152 -11.11 -19.11 -2.07
C ASN A 152 -12.29 -18.84 -1.16
N ALA A 153 -12.24 -17.75 -0.39
CA ALA A 153 -13.34 -17.39 0.52
C ALA A 153 -14.26 -16.35 -0.05
N VAL A 154 -13.81 -15.54 -1.01
CA VAL A 154 -14.71 -14.62 -1.68
C VAL A 154 -15.56 -15.37 -2.70
N THR A 155 -15.04 -16.44 -3.29
CA THR A 155 -15.81 -17.20 -4.27
C THR A 155 -16.75 -18.20 -3.62
N VAL A 156 -16.33 -18.81 -2.51
CA VAL A 156 -17.12 -19.88 -1.91
C VAL A 156 -18.21 -19.35 -0.98
N TYR A 157 -18.05 -18.14 -0.44
CA TYR A 157 -19.04 -17.64 0.50
C TYR A 157 -19.56 -16.24 0.16
N GLY A 158 -18.72 -15.41 -0.47
CA GLY A 158 -19.14 -14.06 -0.79
C GLY A 158 -19.63 -13.88 -2.23
N LYS A 159 -20.88 -14.22 -2.49
CA LYS A 159 -21.40 -14.21 -3.85
C LYS A 159 -22.14 -12.93 -4.21
N ASN A 160 -22.32 -12.01 -3.27
CA ASN A 160 -22.82 -10.67 -3.59
C ASN A 160 -21.69 -9.72 -3.97
N VAL A 161 -20.50 -10.24 -4.23
CA VAL A 161 -19.33 -9.43 -4.59
C VAL A 161 -19.26 -9.34 -6.11
N GLN A 162 -19.10 -8.11 -6.61
CA GLN A 162 -18.97 -7.87 -8.05
C GLN A 162 -17.57 -7.43 -8.44
N ARG A 163 -16.97 -6.51 -7.69
CA ARG A 163 -15.62 -6.02 -7.96
C ARG A 163 -14.71 -6.29 -6.78
N VAL A 164 -13.50 -6.76 -7.08
CA VAL A 164 -12.47 -7.02 -6.08
C VAL A 164 -11.24 -6.18 -6.44
N VAL A 165 -10.70 -5.47 -5.46
CA VAL A 165 -9.52 -4.64 -5.65
C VAL A 165 -8.40 -5.20 -4.77
N ILE A 166 -7.37 -5.73 -5.43
CA ILE A 166 -6.22 -6.31 -4.73
C ILE A 166 -5.12 -5.27 -4.69
N THR A 167 -4.72 -4.87 -3.48
CA THR A 167 -3.65 -3.90 -3.30
C THR A 167 -2.31 -4.61 -3.51
N SER A 168 -1.71 -4.40 -4.68
CA SER A 168 -0.44 -5.03 -5.03
C SER A 168 0.68 -4.02 -4.79
N SER A 169 1.63 -3.84 -5.72
CA SER A 169 2.75 -2.94 -5.48
C SER A 169 3.50 -2.72 -6.79
N TYR A 170 4.32 -1.67 -6.80
CA TYR A 170 5.25 -1.43 -7.88
C TYR A 170 6.34 -2.49 -7.95
N ALA A 171 6.58 -3.20 -6.84
CA ALA A 171 7.55 -4.30 -6.85
C ALA A 171 7.13 -5.43 -7.78
N ALA A 172 5.85 -5.49 -8.15
CA ALA A 172 5.37 -6.43 -9.16
C ALA A 172 5.39 -5.85 -10.56
N VAL A 173 6.04 -4.70 -10.75
CA VAL A 173 6.04 -3.98 -12.02
C VAL A 173 7.43 -3.84 -12.60
N ALA A 174 8.41 -3.48 -11.77
CA ALA A 174 9.78 -3.31 -12.23
C ALA A 174 10.72 -4.17 -11.38
N GLY A 175 11.88 -4.50 -11.96
CA GLY A 175 12.81 -5.37 -11.28
C GLY A 175 13.69 -4.63 -10.29
N PHE A 176 14.11 -5.35 -9.26
CA PHE A 176 14.95 -4.80 -8.21
C PHE A 176 16.27 -5.56 -8.12
N ALA A 177 17.27 -4.87 -7.56
CA ALA A 177 18.57 -5.45 -7.20
C ALA A 177 19.26 -5.95 -8.46
N ASN A 178 19.51 -7.24 -8.61
CA ASN A 178 20.24 -7.74 -9.77
C ASN A 178 19.38 -7.74 -11.04
N LEU A 179 18.06 -7.64 -10.90
CA LEU A 179 17.13 -7.50 -12.01
C LEU A 179 16.76 -6.05 -12.27
N ALA A 180 17.50 -5.11 -11.68
CA ALA A 180 17.26 -3.70 -11.94
C ALA A 180 17.43 -3.41 -13.42
N THR A 181 16.46 -2.69 -13.98
CA THR A 181 16.54 -2.27 -15.38
C THR A 181 16.67 -0.74 -15.41
N PRO A 182 17.86 -0.21 -15.13
CA PRO A 182 18.00 1.25 -15.05
C PRO A 182 17.82 1.90 -16.41
N GLY A 183 17.07 3.00 -16.43
CA GLY A 183 16.80 3.72 -17.65
C GLY A 183 15.83 3.05 -18.60
N LYS A 184 15.35 1.84 -18.28
CA LYS A 184 14.47 1.11 -19.18
C LYS A 184 13.00 1.49 -18.89
N GLU A 185 12.12 1.06 -19.80
CA GLU A 185 10.72 1.46 -19.78
C GLU A 185 9.87 0.40 -19.11
N VAL A 186 9.04 0.84 -18.16
CA VAL A 186 8.06 -0.02 -17.51
C VAL A 186 6.71 0.69 -17.52
N ASN A 187 5.64 -0.09 -17.59
CA ASN A 187 4.29 0.44 -17.68
C ASN A 187 3.36 -0.48 -16.89
N GLU A 188 2.05 -0.33 -17.13
CA GLU A 188 1.06 -1.11 -16.37
C GLU A 188 1.18 -2.61 -16.64
N GLU A 189 1.60 -2.98 -17.85
CA GLU A 189 1.69 -4.38 -18.24
C GLU A 189 3.05 -5.00 -17.95
N SER A 190 4.04 -4.20 -17.58
CA SER A 190 5.36 -4.74 -17.26
C SER A 190 5.30 -5.57 -15.98
N TRP A 191 6.29 -6.45 -15.83
CA TRP A 191 6.33 -7.38 -14.72
C TRP A 191 7.75 -7.52 -14.20
N ASN A 192 7.87 -7.70 -12.89
CA ASN A 192 9.16 -7.97 -12.27
C ASN A 192 9.62 -9.36 -12.68
N PRO A 193 10.76 -9.51 -13.36
CA PRO A 193 11.21 -10.84 -13.79
C PRO A 193 11.63 -11.75 -12.64
N ILE A 194 11.47 -11.32 -11.38
CA ILE A 194 11.91 -12.13 -10.25
C ILE A 194 11.10 -13.41 -10.17
N THR A 195 11.73 -14.48 -9.72
CA THR A 195 11.10 -15.77 -9.51
C THR A 195 11.10 -16.12 -8.03
N TYR A 196 10.39 -17.21 -7.71
CA TYR A 196 10.32 -17.66 -6.33
C TYR A 196 11.70 -18.01 -5.78
N GLU A 197 12.53 -18.66 -6.61
CA GLU A 197 13.86 -19.04 -6.15
C GLU A 197 14.75 -17.82 -5.94
N GLN A 198 14.62 -16.80 -6.79
CA GLN A 198 15.40 -15.59 -6.65
C GLN A 198 14.93 -14.72 -5.50
N ALA A 199 13.86 -15.13 -4.81
CA ALA A 199 13.28 -14.40 -3.71
C ALA A 199 13.54 -15.13 -2.39
N LEU A 200 13.28 -14.42 -1.30
CA LEU A 200 13.57 -14.83 0.07
C LEU A 200 15.05 -15.13 0.30
N GLU A 201 15.92 -14.76 -0.64
CA GLU A 201 17.34 -14.68 -0.37
C GLU A 201 17.65 -13.48 0.52
N ASN A 202 16.79 -12.47 0.52
CA ASN A 202 16.83 -11.28 1.35
C ASN A 202 15.46 -11.05 1.96
N PRO A 203 15.39 -10.49 3.17
CA PRO A 203 14.12 -9.90 3.62
C PRO A 203 13.66 -8.77 2.72
N PHE A 204 14.56 -8.20 1.93
CA PHE A 204 14.21 -7.19 0.94
C PHE A 204 13.73 -7.85 -0.36
N LEU A 205 14.59 -8.61 -1.02
CA LEU A 205 14.20 -9.31 -2.24
C LEU A 205 13.08 -10.32 -1.97
N GLY A 206 13.00 -10.83 -0.74
CA GLY A 206 11.89 -11.71 -0.40
C GLY A 206 10.57 -10.98 -0.36
N TYR A 207 10.55 -9.77 0.22
CA TYR A 207 9.35 -8.95 0.16
C TYR A 207 9.03 -8.54 -1.27
N ILE A 208 10.05 -8.22 -2.06
CA ILE A 208 9.84 -7.89 -3.46
C ILE A 208 9.25 -9.10 -4.19
N GLY A 209 9.76 -10.30 -3.89
CA GLY A 209 9.21 -11.49 -4.50
C GLY A 209 7.81 -11.82 -4.01
N SER A 210 7.61 -11.75 -2.69
CA SER A 210 6.30 -12.07 -2.11
C SER A 210 5.21 -11.14 -2.60
N LYS A 211 5.56 -9.96 -3.11
CA LYS A 211 4.56 -9.05 -3.63
C LYS A 211 4.35 -9.20 -5.12
N LYS A 212 5.39 -9.56 -5.87
CA LYS A 212 5.23 -9.84 -7.29
C LYS A 212 4.52 -11.16 -7.53
N LEU A 213 4.74 -12.14 -6.64
CA LEU A 213 4.12 -13.45 -6.80
C LEU A 213 2.71 -13.53 -6.25
N ALA A 214 2.41 -12.76 -5.18
CA ALA A 214 1.05 -12.76 -4.65
C ALA A 214 0.06 -12.16 -5.64
N GLU A 215 0.50 -11.18 -6.45
CA GLU A 215 -0.35 -10.69 -7.51
C GLU A 215 -0.53 -11.73 -8.61
N LYS A 216 0.50 -12.56 -8.83
CA LYS A 216 0.39 -13.62 -9.83
C LYS A 216 -0.67 -14.64 -9.44
N THR A 217 -0.79 -14.93 -8.14
CA THR A 217 -1.80 -15.88 -7.69
C THR A 217 -3.21 -15.39 -7.98
N VAL A 218 -3.40 -14.06 -8.07
CA VAL A 218 -4.69 -13.53 -8.49
C VAL A 218 -4.88 -13.72 -9.98
N TRP A 219 -3.83 -13.45 -10.77
CA TRP A 219 -3.92 -13.64 -12.22
C TRP A 219 -4.16 -15.09 -12.59
N ASN A 220 -3.46 -16.01 -11.91
CA ASN A 220 -3.68 -17.43 -12.16
C ASN A 220 -5.06 -17.87 -11.68
N TYR A 221 -5.56 -17.28 -10.59
CA TYR A 221 -6.84 -17.72 -10.04
C TYR A 221 -8.00 -17.31 -10.94
N ILE A 222 -8.02 -16.06 -11.38
CA ILE A 222 -9.14 -15.56 -12.17
C ILE A 222 -9.30 -16.35 -13.47
N GLU A 223 -8.25 -17.02 -13.94
CA GLU A 223 -8.32 -17.86 -15.11
C GLU A 223 -8.50 -19.33 -14.77
N GLU A 224 -7.87 -19.81 -13.68
CA GLU A 224 -8.00 -21.21 -13.31
C GLU A 224 -9.38 -21.51 -12.75
N LYS A 225 -9.92 -20.61 -11.92
CA LYS A 225 -11.25 -20.78 -11.35
C LYS A 225 -12.34 -20.06 -12.13
N LYS A 226 -12.00 -18.97 -12.82
CA LYS A 226 -12.94 -18.18 -13.61
C LYS A 226 -14.10 -17.72 -12.73
N PRO A 227 -13.87 -16.75 -11.85
CA PRO A 227 -14.87 -16.38 -10.85
C PRO A 227 -15.96 -15.50 -11.44
N LYS A 228 -16.92 -15.13 -10.58
CA LYS A 228 -18.04 -14.30 -10.97
C LYS A 228 -17.81 -12.81 -10.69
N TRP A 229 -16.77 -12.46 -9.95
CA TRP A 229 -16.44 -11.08 -9.65
C TRP A 229 -15.29 -10.60 -10.53
N ASP A 230 -15.23 -9.28 -10.72
CA ASP A 230 -14.17 -8.67 -11.50
C ASP A 230 -13.06 -8.19 -10.57
N VAL A 231 -11.83 -8.20 -11.09
CA VAL A 231 -10.64 -7.92 -10.30
C VAL A 231 -10.02 -6.61 -10.79
N THR A 232 -9.37 -5.91 -9.86
CA THR A 232 -8.60 -4.72 -10.18
C THR A 232 -7.38 -4.69 -9.27
N PHE A 233 -6.25 -4.28 -9.82
CA PHE A 233 -4.99 -4.22 -9.10
C PHE A 233 -4.56 -2.77 -8.95
N VAL A 234 -4.33 -2.35 -7.71
CA VAL A 234 -3.72 -1.06 -7.42
C VAL A 234 -2.27 -1.32 -7.02
N ASN A 235 -1.35 -0.72 -7.76
CA ASN A 235 0.08 -1.00 -7.59
C ASN A 235 0.80 0.21 -7.05
N PRO A 236 0.73 0.46 -5.73
CA PRO A 236 1.37 1.66 -5.19
C PRO A 236 2.88 1.52 -5.15
N ALA A 237 3.57 2.61 -5.50
CA ALA A 237 5.02 2.63 -5.41
C ALA A 237 5.47 2.83 -3.97
N PHE A 238 6.34 3.82 -3.74
CA PHE A 238 6.79 4.13 -2.38
C PHE A 238 5.77 5.10 -1.78
N VAL A 239 4.86 4.57 -0.97
CA VAL A 239 3.77 5.37 -0.45
C VAL A 239 4.25 6.23 0.72
N LEU A 240 4.03 7.53 0.61
CA LEU A 240 4.27 8.48 1.69
C LEU A 240 2.94 9.15 2.04
N GLY A 241 2.97 9.97 3.09
CA GLY A 241 1.80 10.73 3.48
C GLY A 241 1.44 10.55 4.94
N PRO A 242 0.51 11.36 5.42
CA PRO A 242 0.12 11.31 6.84
C PRO A 242 -0.89 10.20 7.11
N GLN A 243 -0.97 9.84 8.39
CA GLN A 243 -1.92 8.84 8.84
C GLN A 243 -3.35 9.30 8.55
N ALA A 244 -4.27 8.32 8.50
CA ALA A 244 -5.65 8.64 8.17
C ALA A 244 -6.28 9.55 9.22
N PHE A 245 -6.03 9.26 10.50
CA PHE A 245 -6.65 10.05 11.56
C PHE A 245 -5.65 10.51 12.61
N ALA A 246 -5.02 9.56 13.30
CA ALA A 246 -4.15 9.92 14.42
C ALA A 246 -3.00 8.93 14.53
N VAL A 247 -1.80 9.46 14.74
CA VAL A 247 -0.63 8.61 14.96
C VAL A 247 -0.70 8.00 16.36
N ARG A 248 -0.23 6.77 16.48
CA ARG A 248 -0.21 6.05 17.75
C ARG A 248 1.19 5.96 18.37
N ASP A 249 2.22 5.78 17.56
CA ASP A 249 3.60 5.77 18.01
C ASP A 249 4.39 6.73 17.13
N LYS A 250 4.81 7.86 17.69
CA LYS A 250 5.53 8.87 16.94
C LYS A 250 6.99 8.49 16.68
N SER A 251 7.53 7.51 17.39
CA SER A 251 8.92 7.12 17.18
C SER A 251 9.10 6.22 15.97
N LYS A 252 8.08 5.41 15.68
CA LYS A 252 8.14 4.49 14.54
C LYS A 252 6.81 4.51 13.83
N LEU A 253 6.84 4.84 12.55
CA LEU A 253 5.64 4.81 11.72
C LEU A 253 5.58 3.48 10.97
N ASN A 254 4.86 3.44 9.86
CA ASN A 254 4.91 2.30 8.97
C ASN A 254 6.26 2.24 8.26
N ALA A 255 6.56 1.08 7.68
CA ALA A 255 7.87 0.87 7.07
C ALA A 255 8.13 1.84 5.93
N SER A 256 7.08 2.35 5.28
CA SER A 256 7.27 3.27 4.16
C SER A 256 7.56 4.68 4.64
N ASN A 257 6.78 5.18 5.61
CA ASN A 257 6.98 6.54 6.10
C ASN A 257 8.23 6.70 6.93
N GLU A 258 8.86 5.60 7.37
CA GLU A 258 10.15 5.72 8.04
C GLU A 258 11.20 6.33 7.13
N ILE A 259 10.99 6.26 5.81
CA ILE A 259 11.82 7.03 4.87
C ILE A 259 11.84 8.50 5.28
N ILE A 260 10.69 9.01 5.74
CA ILE A 260 10.64 10.35 6.30
C ILE A 260 11.02 10.33 7.78
N ASN A 261 10.50 9.36 8.53
CA ASN A 261 10.61 9.40 9.99
C ASN A 261 12.03 9.13 10.46
N SER A 262 12.78 8.29 9.75
CA SER A 262 14.17 8.05 10.15
C SER A 262 14.99 9.34 10.12
N LEU A 263 14.66 10.25 9.19
CA LEU A 263 15.35 11.53 9.15
C LEU A 263 15.11 12.35 10.41
N LEU A 264 13.99 12.12 11.10
CA LEU A 264 13.69 12.83 12.33
C LEU A 264 14.31 12.16 13.54
N THR A 265 14.20 10.84 13.65
CA THR A 265 14.67 10.10 14.81
C THR A 265 16.14 9.70 14.72
N ALA A 266 16.84 10.17 13.69
CA ALA A 266 18.25 9.80 13.53
C ALA A 266 19.10 10.30 14.68
N ASN A 267 18.94 11.59 15.04
CA ASN A 267 19.74 12.16 16.11
C ASN A 267 19.32 11.66 17.48
N LYS A 268 18.14 11.04 17.61
CA LYS A 268 17.77 10.37 18.86
C LYS A 268 18.39 8.98 18.95
N THR A 269 18.14 8.15 17.94
CA THR A 269 18.64 6.78 17.95
C THR A 269 20.10 6.67 17.55
N LYS A 270 20.72 7.77 17.10
CA LYS A 270 22.09 7.76 16.60
C LYS A 270 22.29 6.67 15.54
N VAL A 271 21.26 6.46 14.73
CA VAL A 271 21.30 5.54 13.61
C VAL A 271 21.47 6.34 12.33
N GLU A 272 22.50 6.01 11.56
CA GLU A 272 22.69 6.64 10.27
C GLU A 272 21.52 6.25 9.36
N PRO A 273 20.77 7.22 8.82
CA PRO A 273 19.52 6.89 8.13
C PRO A 273 19.78 6.19 6.81
N GLN A 274 19.10 5.06 6.61
CA GLN A 274 19.15 4.34 5.35
C GLN A 274 18.49 5.18 4.26
N GLN A 275 19.24 5.46 3.20
CA GLN A 275 18.76 6.32 2.13
C GLN A 275 18.15 5.49 1.00
N PHE A 276 17.16 6.07 0.33
CA PHE A 276 16.39 5.36 -0.69
C PHE A 276 16.24 6.22 -1.94
N VAL A 277 15.98 5.55 -3.06
CA VAL A 277 15.57 6.18 -4.30
C VAL A 277 14.39 5.39 -4.87
N GLY A 278 13.67 6.03 -5.78
CA GLY A 278 12.55 5.40 -6.43
C GLY A 278 11.44 6.41 -6.69
N TYR A 279 10.26 5.88 -6.90
CA TYR A 279 9.06 6.69 -7.14
C TYR A 279 8.22 6.70 -5.88
N PHE A 280 7.63 7.83 -5.59
CA PHE A 280 6.76 7.96 -4.43
C PHE A 280 5.30 8.09 -4.87
N ILE A 281 4.41 8.06 -3.88
CA ILE A 281 2.99 8.33 -4.09
C ILE A 281 2.38 8.63 -2.73
N ASP A 282 1.47 9.62 -2.70
CA ASP A 282 0.84 9.99 -1.45
C ASP A 282 -0.28 9.01 -1.09
N VAL A 283 -0.37 8.68 0.19
CA VAL A 283 -1.33 7.67 0.64
C VAL A 283 -2.76 8.08 0.32
N ARG A 284 -3.01 9.39 0.22
CA ARG A 284 -4.35 9.85 -0.15
C ARG A 284 -4.64 9.63 -1.62
N ASP A 285 -3.62 9.73 -2.48
CA ASP A 285 -3.81 9.39 -3.89
C ASP A 285 -4.10 7.91 -4.06
N VAL A 286 -3.40 7.05 -3.31
CA VAL A 286 -3.66 5.62 -3.37
C VAL A 286 -5.07 5.31 -2.87
N ALA A 287 -5.50 6.00 -1.80
CA ALA A 287 -6.85 5.80 -1.30
C ALA A 287 -7.88 6.20 -2.34
N LYS A 288 -7.67 7.35 -3.00
CA LYS A 288 -8.60 7.77 -4.05
C LYS A 288 -8.58 6.82 -5.24
N ALA A 289 -7.42 6.22 -5.54
CA ALA A 289 -7.34 5.28 -6.64
C ALA A 289 -8.03 3.96 -6.32
N HIS A 290 -8.07 3.59 -5.04
CA HIS A 290 -8.77 2.36 -4.67
C HIS A 290 -10.27 2.49 -4.85
N LEU A 291 -10.82 3.70 -4.74
CA LEU A 291 -12.23 3.91 -5.02
C LEU A 291 -12.52 3.78 -6.51
N ILE A 292 -11.71 4.45 -7.34
CA ILE A 292 -11.89 4.37 -8.78
C ILE A 292 -11.73 2.93 -9.26
N ALA A 293 -10.96 2.13 -8.53
CA ALA A 293 -10.73 0.73 -8.90
C ALA A 293 -12.00 -0.10 -8.83
N PHE A 294 -12.99 0.32 -8.04
CA PHE A 294 -14.26 -0.39 -7.98
C PHE A 294 -15.45 0.45 -8.41
N GLU A 295 -15.37 1.77 -8.30
CA GLU A 295 -16.47 2.64 -8.68
C GLU A 295 -16.58 2.80 -10.19
N LYS A 296 -15.43 2.76 -10.88
CA LYS A 296 -15.37 2.94 -12.36
C LYS A 296 -15.41 1.56 -13.02
N ASN A 297 -15.84 1.47 -14.27
CA ASN A 297 -15.98 0.15 -14.94
C ASN A 297 -14.80 -0.10 -15.87
N GLU A 298 -14.01 0.91 -16.19
CA GLU A 298 -12.84 0.81 -17.05
C GLU A 298 -11.59 0.35 -16.31
N THR A 299 -11.63 0.30 -14.98
CA THR A 299 -10.49 -0.21 -14.21
C THR A 299 -10.47 -1.72 -14.12
N VAL A 300 -11.53 -2.40 -14.57
CA VAL A 300 -11.57 -3.86 -14.54
C VAL A 300 -10.37 -4.42 -15.28
N GLY A 301 -9.67 -5.35 -14.63
CA GLY A 301 -8.51 -5.98 -15.25
C GLY A 301 -7.38 -5.04 -15.57
N GLN A 302 -7.27 -3.93 -14.84
CA GLN A 302 -6.20 -2.95 -15.05
C GLN A 302 -5.30 -2.91 -13.83
N ARG A 303 -3.99 -2.83 -14.08
CA ARG A 303 -2.98 -2.70 -13.03
C ARG A 303 -2.65 -1.23 -12.88
N LEU A 304 -3.36 -0.55 -11.96
CA LEU A 304 -3.18 0.88 -11.76
C LEU A 304 -1.81 1.13 -11.11
N LEU A 305 -0.86 1.61 -11.92
CA LEU A 305 0.48 1.91 -11.45
C LEU A 305 0.44 3.22 -10.68
N LEU A 306 0.43 3.14 -9.35
CA LEU A 306 0.26 4.31 -8.49
C LEU A 306 1.63 4.87 -8.13
N ALA A 307 2.21 5.60 -9.08
CA ALA A 307 3.51 6.24 -8.89
C ALA A 307 3.44 7.67 -9.38
N ASN A 308 3.96 8.60 -8.56
CA ASN A 308 3.98 10.01 -8.93
C ASN A 308 5.28 10.37 -9.64
N ALA A 309 6.25 10.86 -8.88
CA ALA A 309 7.52 11.34 -9.39
C ALA A 309 8.65 10.65 -8.64
N PRO A 310 9.88 10.68 -9.17
CA PRO A 310 11.02 10.16 -8.41
C PRO A 310 11.24 10.94 -7.11
N PHE A 311 11.94 10.30 -6.19
CA PHE A 311 12.29 10.94 -4.92
C PHE A 311 13.65 10.44 -4.48
N SER A 312 14.11 10.96 -3.34
CA SER A 312 15.36 10.52 -2.73
C SER A 312 15.35 10.99 -1.29
N SER A 313 15.99 10.19 -0.41
CA SER A 313 16.08 10.58 0.99
C SER A 313 16.73 11.94 1.15
N ALA A 314 17.68 12.28 0.27
CA ALA A 314 18.25 13.62 0.28
C ALA A 314 17.24 14.65 -0.17
N GLY A 315 16.46 14.34 -1.21
CA GLY A 315 15.45 15.27 -1.67
C GLY A 315 14.36 15.51 -0.64
N ILE A 316 13.97 14.47 0.09
CA ILE A 316 12.97 14.62 1.14
C ILE A 316 13.52 15.47 2.28
N LEU A 317 14.82 15.30 2.60
CA LEU A 317 15.41 16.06 3.69
C LEU A 317 15.43 17.55 3.39
N ASP A 318 15.68 17.92 2.13
CA ASP A 318 15.71 19.33 1.76
C ASP A 318 14.37 20.01 2.01
N ILE A 319 13.28 19.28 1.78
CA ILE A 319 11.94 19.83 2.02
C ILE A 319 11.74 20.09 3.50
N ILE A 320 12.24 19.20 4.36
CA ILE A 320 12.02 19.33 5.80
C ILE A 320 12.82 20.50 6.35
N GLU A 321 14.05 20.69 5.86
CA GLU A 321 14.87 21.80 6.34
C GLU A 321 14.23 23.15 6.04
N LYS A 322 13.64 23.28 4.86
CA LYS A 322 13.05 24.56 4.47
C LYS A 322 11.71 24.80 5.16
N ASP A 323 10.80 23.83 5.09
CA ASP A 323 9.45 24.01 5.59
C ASP A 323 9.34 23.82 7.09
N PHE A 324 10.40 23.37 7.77
CA PHE A 324 10.38 23.15 9.22
C PHE A 324 11.74 23.55 9.78
N PRO A 325 12.03 24.85 9.85
CA PRO A 325 13.33 25.29 10.36
C PRO A 325 13.55 24.98 11.82
N ASN A 326 12.48 24.80 12.60
CA ASN A 326 12.62 24.40 14.00
C ASN A 326 13.21 23.01 14.17
N LEU A 327 13.32 22.24 13.09
CA LEU A 327 13.88 20.90 13.14
C LEU A 327 15.33 20.84 12.66
N LYS A 328 15.91 21.98 12.26
CA LYS A 328 17.26 21.96 11.68
C LYS A 328 18.28 21.38 12.64
N SER A 329 18.04 21.50 13.95
CA SER A 329 18.93 20.89 14.93
C SER A 329 18.62 19.42 15.17
N GLU A 330 17.50 18.92 14.65
CA GLU A 330 17.13 17.51 14.77
C GLU A 330 17.32 16.73 13.47
N LEU A 331 17.63 17.40 12.37
CA LEU A 331 17.86 16.69 11.11
C LEU A 331 19.34 16.37 10.95
N PRO A 332 19.68 15.21 10.39
CA PRO A 332 21.10 14.84 10.28
C PRO A 332 21.75 15.35 9.02
N LYS A 333 23.03 15.03 8.84
CA LYS A 333 23.75 15.30 7.60
C LYS A 333 23.94 13.97 6.88
N LEU A 334 23.31 13.84 5.71
CA LEU A 334 23.39 12.61 4.95
C LEU A 334 24.73 12.50 4.24
N ASP A 335 25.26 11.28 4.18
CA ASP A 335 26.51 11.03 3.47
C ASP A 335 26.24 10.94 1.98
N LYS A 336 26.97 11.75 1.20
CA LYS A 336 26.81 11.74 -0.25
C LYS A 336 27.22 10.42 -0.88
N SER A 337 28.03 9.61 -0.18
CA SER A 337 28.45 8.32 -0.70
C SER A 337 27.45 7.21 -0.38
N LYS A 338 26.87 7.23 0.82
CA LYS A 338 25.82 6.28 1.17
C LYS A 338 24.55 6.49 0.36
N SER A 339 24.43 7.60 -0.37
CA SER A 339 23.21 7.90 -1.10
C SER A 339 23.13 7.07 -2.36
N PRO A 340 22.12 6.21 -2.52
CA PRO A 340 21.93 5.53 -3.80
C PRO A 340 21.53 6.52 -4.88
N LYS A 341 22.15 6.37 -6.04
CA LYS A 341 21.79 7.21 -7.19
C LYS A 341 20.53 6.65 -7.84
N PHE A 342 19.69 7.56 -8.34
CA PHE A 342 18.44 7.14 -8.97
C PHE A 342 18.70 6.35 -10.24
N GLU A 343 19.40 6.96 -11.19
CA GLU A 343 19.64 6.36 -12.50
C GLU A 343 20.61 5.19 -12.39
N GLU A 344 20.17 4.11 -11.75
CA GLU A 344 21.03 2.95 -11.50
C GLU A 344 20.19 1.73 -11.14
N THR A 345 19.11 1.92 -10.41
CA THR A 345 18.22 0.83 -10.01
C THR A 345 16.83 0.95 -10.61
N GLU A 346 16.28 2.16 -10.69
CA GLU A 346 14.88 2.35 -11.06
C GLU A 346 14.74 2.49 -12.57
N SER A 347 13.64 1.94 -13.09
CA SER A 347 13.29 2.07 -14.50
C SER A 347 12.50 3.37 -14.72
N VAL A 348 12.09 3.60 -15.96
CA VAL A 348 11.28 4.76 -16.30
C VAL A 348 9.82 4.34 -16.26
N VAL A 349 9.09 4.81 -15.25
CA VAL A 349 7.68 4.47 -15.12
C VAL A 349 6.88 5.18 -16.20
N ASN A 350 6.08 4.42 -16.95
CA ASN A 350 5.20 4.96 -17.97
C ASN A 350 3.76 4.65 -17.55
N ASN A 351 3.30 5.32 -16.48
CA ASN A 351 1.94 5.16 -15.99
C ASN A 351 0.96 6.14 -16.64
N GLU A 352 1.24 6.56 -17.88
CA GLU A 352 0.35 7.48 -18.57
C GLU A 352 -1.07 6.93 -18.68
N LYS A 353 -1.20 5.61 -18.77
CA LYS A 353 -2.51 4.98 -18.81
C LYS A 353 -3.25 5.14 -17.48
N THR A 354 -2.52 5.02 -16.36
CA THR A 354 -3.16 5.06 -15.06
C THR A 354 -3.60 6.48 -14.71
N ARG A 355 -2.74 7.47 -14.94
CA ARG A 355 -3.11 8.85 -14.65
C ARG A 355 -4.34 9.26 -15.44
N ARG A 356 -4.43 8.84 -16.70
CA ARG A 356 -5.58 9.19 -17.52
C ARG A 356 -6.86 8.51 -17.03
N ILE A 357 -6.75 7.29 -16.51
CA ILE A 357 -7.92 6.60 -15.99
C ILE A 357 -8.34 7.17 -14.64
N LEU A 358 -7.37 7.44 -13.76
CA LEU A 358 -7.71 8.05 -12.47
C LEU A 358 -8.27 9.45 -12.65
N GLY A 359 -7.60 10.27 -13.46
CA GLY A 359 -8.14 11.55 -13.88
C GLY A 359 -7.89 12.71 -12.94
N PHE A 360 -7.53 12.46 -11.69
CA PHE A 360 -7.27 13.54 -10.75
C PHE A 360 -5.77 13.80 -10.66
N LYS A 361 -5.43 14.95 -10.09
CA LYS A 361 -4.03 15.34 -9.90
C LYS A 361 -3.52 14.80 -8.58
N PHE A 362 -2.35 14.17 -8.62
CA PHE A 362 -1.78 13.57 -7.42
C PHE A 362 -1.20 14.65 -6.51
N ILE A 363 -0.92 14.26 -5.28
CA ILE A 363 -0.32 15.15 -4.29
C ILE A 363 1.19 15.17 -4.48
N ASP A 364 1.75 16.36 -4.59
CA ASP A 364 3.19 16.50 -4.80
C ASP A 364 3.96 16.07 -3.55
N LEU A 365 5.26 15.86 -3.73
CA LEU A 365 6.10 15.39 -2.63
C LEU A 365 6.15 16.41 -1.49
N LYS A 366 6.26 17.69 -1.82
CA LYS A 366 6.34 18.73 -0.79
C LYS A 366 5.12 18.69 0.12
N LYS A 367 3.92 18.59 -0.46
CA LYS A 367 2.71 18.52 0.36
C LYS A 367 2.68 17.20 1.14
N SER A 368 3.11 16.11 0.52
CA SER A 368 3.12 14.82 1.21
C SER A 368 4.02 14.86 2.44
N VAL A 369 5.25 15.35 2.27
CA VAL A 369 6.20 15.41 3.38
C VAL A 369 5.72 16.42 4.42
N ASP A 370 5.23 17.58 3.99
CA ASP A 370 4.75 18.59 4.93
C ASP A 370 3.61 18.05 5.78
N ASP A 371 2.63 17.42 5.14
CA ASP A 371 1.51 16.83 5.88
C ASP A 371 2.00 15.72 6.81
N THR A 372 3.00 14.96 6.38
CA THR A 372 3.56 13.92 7.23
C THR A 372 4.21 14.52 8.47
N ILE A 373 5.10 15.50 8.27
CA ILE A 373 5.83 16.11 9.38
C ILE A 373 4.87 16.83 10.33
N LYS A 374 3.82 17.44 9.79
CA LYS A 374 2.88 18.19 10.62
C LYS A 374 2.23 17.32 11.69
N GLN A 375 2.03 16.03 11.40
CA GLN A 375 1.41 15.14 12.38
C GLN A 375 2.36 14.81 13.51
N LEU A 376 3.62 14.51 13.19
CA LEU A 376 4.60 14.13 14.20
C LEU A 376 5.22 15.32 14.91
N VAL A 377 4.66 16.52 14.76
CA VAL A 377 5.18 17.73 15.36
C VAL A 377 6.63 17.97 14.93
PA NDP B . 1.07 -1.52 7.38
O1A NDP B . 2.12 -2.41 7.97
O2A NDP B . 0.65 -0.32 8.15
O5B NDP B . -0.22 -2.40 7.00
C5B NDP B . -0.26 -3.78 7.42
C4B NDP B . -1.70 -4.22 7.57
O4B NDP B . -1.79 -5.64 7.35
C3B NDP B . -2.33 -3.97 8.96
O3B NDP B . -3.70 -3.63 8.83
C2B NDP B . -2.13 -5.31 9.65
O2B NDP B . -3.12 -5.52 10.65
C1B NDP B . -2.32 -6.28 8.49
N9A NDP B . -1.64 -7.56 8.67
C8A NDP B . -0.31 -7.81 8.45
N7A NDP B . 0.02 -9.05 8.70
C5A NDP B . -1.16 -9.66 9.10
C6A NDP B . -1.47 -10.97 9.49
N6A NDP B . -0.57 -11.96 9.55
N1A NDP B . -2.75 -11.24 9.83
C2A NDP B . -3.64 -10.25 9.77
N3A NDP B . -3.48 -8.99 9.41
C4A NDP B . -2.20 -8.74 9.08
O3 NDP B . 1.56 -1.06 5.91
PN NDP B . 0.81 -0.32 4.72
O1N NDP B . 1.74 0.69 4.11
O2N NDP B . -0.52 0.16 5.19
O5D NDP B . 0.60 -1.54 3.69
C5D NDP B . -0.61 -1.56 2.88
C4D NDP B . -0.44 -2.54 1.76
O4D NDP B . 0.06 -1.84 0.59
C3D NDP B . 0.53 -3.71 2.01
O3D NDP B . -0.02 -4.94 1.57
C2D NDP B . 1.77 -3.31 1.21
O2D NDP B . 2.51 -4.42 0.75
C1D NDP B . 1.18 -2.51 0.05
N1N NDP B . 2.14 -1.48 -0.46
C2N NDP B . 2.42 -0.36 0.27
C3N NDP B . 3.60 0.31 0.12
C7N NDP B . 3.87 1.44 1.04
O7N NDP B . 3.14 1.64 2.01
N7N NDP B . 4.91 2.22 0.76
C4N NDP B . 4.54 -0.16 -0.94
C5N NDP B . 3.94 -1.11 -1.91
C6N NDP B . 2.76 -1.64 -1.68
P2B NDP B . -2.56 -5.00 12.08
O1X NDP B . -1.69 -6.11 12.63
O2X NDP B . -3.78 -4.74 12.94
O3X NDP B . -1.77 -3.73 11.80
#